data_6UAG
#
_entry.id   6UAG
#
_cell.length_a   74.968
_cell.length_b   89.391
_cell.length_c   74.927
_cell.angle_alpha   90.000
_cell.angle_beta   111.170
_cell.angle_gamma   90.000
#
_symmetry.space_group_name_H-M   'P 1 21 1'
#
loop_
_entity.id
_entity.type
_entity.pdbx_description
1 polymer 'Putative ryanodine receptor'
2 branched beta-D-fructofuranose-(2-1)-alpha-D-glucopyranose
3 non-polymer GLYCEROL
4 non-polymer 'SULFATE ION'
5 water water
#
_entity_poly.entity_id   1
_entity_poly.type   'polypeptide(L)'
_entity_poly.pdbx_seq_one_letter_code
;(MSE)KENKLDYIPEP(MSE)DLSLVDLPESLIQLSERIAENVHEVWAKARIDEGWTYGEKRDDIHKKHPCLVPYDELPE
EEKEADRNTA(MSE)NTIK(MSE)VKKLGFRIEKED
;
_entity_poly.pdbx_strand_id   A,B,C,D,E,F
#
# COMPACT_ATOMS: atom_id res chain seq x y z
N ASN A 4 -31.31 8.52 -18.83
CA ASN A 4 -29.89 8.40 -18.53
C ASN A 4 -29.10 7.88 -19.77
N LYS A 5 -27.84 8.31 -19.91
CA LYS A 5 -27.00 7.97 -21.06
C LYS A 5 -25.97 6.88 -20.76
N LEU A 6 -25.32 6.90 -19.59
CA LEU A 6 -24.23 6.00 -19.26
C LEU A 6 -24.70 4.99 -18.20
N ASP A 7 -24.24 3.73 -18.35
CA ASP A 7 -24.72 2.58 -17.55
C ASP A 7 -23.53 1.91 -16.82
N TYR A 8 -22.98 2.61 -15.83
CA TYR A 8 -21.74 2.21 -15.19
C TYR A 8 -22.03 1.78 -13.74
N ILE A 9 -21.67 0.55 -13.41
CA ILE A 9 -21.86 0.04 -12.06
C ILE A 9 -20.50 -0.34 -11.49
N PRO A 10 -19.97 0.42 -10.53
CA PRO A 10 -18.67 0.07 -9.95
C PRO A 10 -18.74 -1.24 -9.18
N GLU A 11 -17.75 -2.10 -9.40
CA GLU A 11 -17.62 -3.36 -8.68
C GLU A 11 -16.23 -3.39 -8.08
N PRO A 12 -16.04 -2.77 -6.90
CA PRO A 12 -14.77 -2.91 -6.20
C PRO A 12 -14.48 -4.36 -5.85
N ASP A 14 -13.55 -7.45 -3.53
CA ASP A 14 -13.89 -7.81 -2.15
C ASP A 14 -12.60 -7.94 -1.34
N LEU A 15 -12.32 -6.94 -0.50
CA LEU A 15 -11.12 -6.95 0.33
C LEU A 15 -11.47 -7.20 1.80
N SER A 16 -12.69 -7.68 2.07
CA SER A 16 -13.22 -7.77 3.43
C SER A 16 -12.45 -8.79 4.27
N LEU A 17 -11.85 -9.79 3.64
CA LEU A 17 -11.09 -10.83 4.33
C LEU A 17 -9.59 -10.71 4.12
N VAL A 18 -9.09 -9.55 3.72
CA VAL A 18 -7.65 -9.35 3.59
C VAL A 18 -7.13 -8.87 4.94
N ASP A 19 -6.15 -9.58 5.50
CA ASP A 19 -5.60 -9.22 6.80
C ASP A 19 -4.23 -8.58 6.63
N LEU A 20 -4.06 -7.43 7.16
CA LEU A 20 -2.95 -6.52 7.31
C LEU A 20 -2.40 -6.59 8.72
N PRO A 21 -1.08 -6.47 8.86
CA PRO A 21 -0.50 -6.44 10.21
C PRO A 21 -1.20 -5.42 11.09
N GLU A 22 -1.42 -5.80 12.35
CA GLU A 22 -2.01 -4.85 13.26
C GLU A 22 -1.13 -3.62 13.43
N SER A 23 0.19 -3.81 13.46
CA SER A 23 1.11 -2.67 13.57
C SER A 23 0.88 -1.65 12.46
N LEU A 24 0.58 -2.10 11.24
CA LEU A 24 0.34 -1.17 10.15
C LEU A 24 -0.99 -0.42 10.36
N ILE A 25 -2.07 -1.16 10.62
CA ILE A 25 -3.35 -0.54 10.88
C ILE A 25 -3.25 0.49 11.98
N GLN A 26 -2.40 0.24 12.98
CA GLN A 26 -2.19 1.23 14.05
C GLN A 26 -1.62 2.53 13.50
N LEU A 27 -0.98 2.47 12.35
CA LEU A 27 -0.41 3.67 11.77
C LEU A 27 -1.30 4.28 10.70
N SER A 28 -2.55 3.80 10.52
CA SER A 28 -3.35 4.30 9.40
C SER A 28 -3.54 5.81 9.45
N GLU A 29 -3.56 6.41 10.65
CA GLU A 29 -3.66 7.86 10.75
C GLU A 29 -2.43 8.53 10.17
N ARG A 30 -1.25 7.98 10.46
CA ARG A 30 0.00 8.49 9.91
C ARG A 30 -0.03 8.49 8.39
N ILE A 31 -0.55 7.40 7.81
CA ILE A 31 -0.62 7.30 6.35
C ILE A 31 -1.64 8.30 5.81
N ALA A 32 -2.85 8.30 6.36
CA ALA A 32 -3.89 9.22 5.89
C ALA A 32 -3.43 10.67 6.00
N GLU A 33 -2.73 11.02 7.09
CA GLU A 33 -2.24 12.39 7.22
C GLU A 33 -1.31 12.77 6.08
N ASN A 34 -0.42 11.88 5.68
CA ASN A 34 0.51 12.22 4.59
C ASN A 34 -0.19 12.28 3.25
N VAL A 35 -1.16 11.39 3.03
CA VAL A 35 -1.95 11.43 1.81
C VAL A 35 -2.60 12.79 1.67
N HIS A 36 -3.15 13.29 2.78
CA HIS A 36 -3.79 14.60 2.80
C HIS A 36 -2.79 15.72 2.55
N GLU A 37 -1.57 15.61 3.11
CA GLU A 37 -0.56 16.64 2.88
C GLU A 37 -0.20 16.70 1.40
N VAL A 38 -0.01 15.55 0.78
CA VAL A 38 0.26 15.49 -0.66
C VAL A 38 -0.90 16.13 -1.43
N TRP A 39 -2.14 15.73 -1.09
CA TRP A 39 -3.33 16.27 -1.75
C TRP A 39 -3.37 17.78 -1.63
N ALA A 40 -3.17 18.28 -0.41
CA ALA A 40 -3.28 19.71 -0.14
C ALA A 40 -2.17 20.49 -0.84
N LYS A 41 -0.95 19.95 -0.84
CA LYS A 41 0.14 20.67 -1.49
C LYS A 41 -0.16 20.83 -2.97
N ALA A 42 -0.74 19.80 -3.60
CA ALA A 42 -1.02 19.88 -5.03
C ALA A 42 -2.09 20.93 -5.31
N ARG A 43 -3.09 21.05 -4.42
CA ARG A 43 -4.16 22.02 -4.66
C ARG A 43 -3.73 23.43 -4.31
N ILE A 44 -2.92 23.60 -3.27
CA ILE A 44 -2.40 24.92 -2.93
C ILE A 44 -1.41 25.40 -3.98
N ASP A 45 -0.69 24.47 -4.61
CA ASP A 45 0.21 24.86 -5.69
C ASP A 45 -0.56 25.28 -6.95
N GLU A 46 -1.82 24.87 -7.08
CA GLU A 46 -2.71 25.29 -8.15
C GLU A 46 -3.56 26.51 -7.77
N GLY A 47 -3.27 27.17 -6.66
CA GLY A 47 -4.00 28.37 -6.27
C GLY A 47 -5.23 28.16 -5.42
N TRP A 48 -5.56 26.91 -5.06
CA TRP A 48 -6.67 26.65 -4.17
C TRP A 48 -6.38 27.16 -2.76
N THR A 49 -7.43 27.59 -2.06
CA THR A 49 -7.32 28.05 -0.69
C THR A 49 -8.47 27.49 0.13
N TYR A 50 -8.38 27.68 1.45
CA TYR A 50 -9.44 27.24 2.33
C TYR A 50 -10.64 28.19 2.22
N GLY A 51 -11.83 27.60 2.19
CA GLY A 51 -13.08 28.33 2.25
C GLY A 51 -14.14 27.41 2.81
N GLU A 52 -15.16 28.00 3.43
CA GLU A 52 -16.13 27.13 4.10
C GLU A 52 -17.08 26.43 3.15
N LYS A 53 -17.15 26.86 1.88
CA LYS A 53 -17.85 26.11 0.84
C LYS A 53 -16.93 25.85 -0.34
N ARG A 54 -17.04 24.66 -0.94
CA ARG A 54 -16.26 24.37 -2.14
C ARG A 54 -16.76 25.19 -3.32
N ASP A 55 -15.81 25.64 -4.16
CA ASP A 55 -16.08 26.66 -5.17
C ASP A 55 -15.06 26.49 -6.30
N ASP A 56 -15.51 26.01 -7.46
CA ASP A 56 -14.59 25.87 -8.58
C ASP A 56 -14.09 27.23 -9.08
N ILE A 57 -14.90 28.26 -8.98
CA ILE A 57 -14.55 29.54 -9.60
C ILE A 57 -13.52 30.28 -8.76
N HIS A 58 -13.68 30.30 -7.45
CA HIS A 58 -12.74 30.95 -6.55
C HIS A 58 -11.75 29.99 -5.91
N LYS A 59 -11.72 28.73 -6.36
CA LYS A 59 -10.73 27.75 -5.92
C LYS A 59 -10.70 27.64 -4.39
N LYS A 60 -11.89 27.50 -3.81
CA LYS A 60 -12.02 27.39 -2.36
C LYS A 60 -12.38 25.96 -1.99
N HIS A 61 -11.65 25.37 -1.05
CA HIS A 61 -12.02 24.04 -0.57
C HIS A 61 -12.04 24.02 0.96
N PRO A 62 -13.10 23.49 1.57
CA PRO A 62 -13.12 23.38 3.04
C PRO A 62 -12.08 22.41 3.62
N CYS A 63 -11.67 21.36 2.89
CA CYS A 63 -10.71 20.39 3.42
C CYS A 63 -9.25 20.85 3.34
N LEU A 64 -8.99 22.10 2.98
CA LEU A 64 -7.61 22.58 2.87
C LEU A 64 -7.12 23.10 4.23
N VAL A 65 -7.11 22.19 5.20
CA VAL A 65 -6.69 22.46 6.58
C VAL A 65 -5.67 21.39 6.97
N PRO A 66 -4.90 21.59 8.04
CA PRO A 66 -4.11 20.48 8.57
C PRO A 66 -4.99 19.27 8.84
N TYR A 67 -4.42 18.08 8.67
CA TYR A 67 -5.21 16.86 8.81
C TYR A 67 -5.93 16.78 10.15
N ASP A 68 -5.27 17.19 11.24
CA ASP A 68 -5.91 17.13 12.56
C ASP A 68 -7.19 17.96 12.62
N GLU A 69 -7.28 19.05 11.85
CA GLU A 69 -8.46 19.91 11.95
C GLU A 69 -9.63 19.39 11.13
N LEU A 70 -9.44 18.40 10.27
CA LEU A 70 -10.54 17.86 9.47
C LEU A 70 -11.62 17.26 10.37
N PRO A 71 -12.87 17.30 9.95
CA PRO A 71 -13.91 16.56 10.67
C PRO A 71 -13.58 15.08 10.71
N GLU A 72 -14.01 14.44 11.79
CA GLU A 72 -13.72 13.03 12.00
C GLU A 72 -14.24 12.16 10.85
N GLU A 73 -15.40 12.52 10.29
CA GLU A 73 -15.94 11.80 9.15
C GLU A 73 -14.94 11.78 8.00
N GLU A 74 -14.27 12.92 7.76
CA GLU A 74 -13.34 13.03 6.64
C GLU A 74 -12.05 12.25 6.91
N LYS A 75 -11.56 12.29 8.16
CA LYS A 75 -10.43 11.44 8.53
C LYS A 75 -10.75 9.96 8.36
N GLU A 76 -11.96 9.52 8.74
CA GLU A 76 -12.29 8.10 8.57
C GLU A 76 -12.18 7.70 7.12
N ALA A 77 -12.79 8.50 6.24
CA ALA A 77 -12.63 8.32 4.81
C ALA A 77 -11.16 8.14 4.45
N ASP A 78 -10.31 9.11 4.83
CA ASP A 78 -8.90 9.06 4.47
C ASP A 78 -8.22 7.80 5.00
N ARG A 79 -8.48 7.44 6.26
CA ARG A 79 -7.92 6.21 6.80
C ARG A 79 -8.38 4.99 6.02
N ASN A 80 -9.64 4.95 5.61
CA ASN A 80 -10.15 3.75 4.95
C ASN A 80 -9.66 3.65 3.52
N THR A 81 -9.61 4.78 2.78
CA THR A 81 -8.94 4.81 1.49
C THR A 81 -7.55 4.24 1.59
N ALA A 82 -6.79 4.67 2.59
CA ALA A 82 -5.43 4.19 2.71
C ALA A 82 -5.42 2.68 2.91
N ASN A 84 -7.71 0.40 2.13
CA ASN A 84 -8.13 -0.30 0.93
C ASN A 84 -7.02 -0.35 -0.10
N THR A 85 -6.27 0.76 -0.26
CA THR A 85 -5.18 0.77 -1.24
C THR A 85 -4.12 -0.27 -0.87
N ILE A 86 -3.86 -0.42 0.42
CA ILE A 86 -2.86 -1.39 0.84
C ILE A 86 -3.41 -2.80 0.80
N LYS A 87 -4.68 -2.98 1.16
CA LYS A 87 -5.25 -4.33 1.10
C LYS A 87 -5.15 -4.89 -0.31
N VAL A 89 -2.72 -4.30 -2.44
CA VAL A 89 -1.36 -4.78 -2.58
C VAL A 89 -1.25 -6.21 -2.09
N LYS A 90 -1.83 -6.48 -0.92
CA LYS A 90 -1.83 -7.83 -0.37
C LYS A 90 -2.67 -8.78 -1.23
N LYS A 91 -3.89 -8.36 -1.60
CA LYS A 91 -4.73 -9.14 -2.53
C LYS A 91 -3.97 -9.52 -3.80
N LEU A 92 -3.14 -8.61 -4.34
CA LEU A 92 -2.43 -8.86 -5.58
C LEU A 92 -1.18 -9.73 -5.42
N GLY A 93 -0.91 -10.24 -4.22
CA GLY A 93 0.12 -11.22 -4.04
C GLY A 93 1.42 -10.72 -3.44
N PHE A 94 1.36 -9.73 -2.56
CA PHE A 94 2.56 -9.20 -1.92
C PHE A 94 2.46 -9.41 -0.41
N ARG A 95 3.57 -9.76 0.23
CA ARG A 95 3.58 -9.81 1.68
C ARG A 95 3.91 -8.43 2.25
N ILE A 96 3.27 -8.09 3.36
CA ILE A 96 3.57 -6.86 4.10
C ILE A 96 3.95 -7.26 5.51
N GLU A 97 5.17 -6.96 5.91
CA GLU A 97 5.69 -7.38 7.22
C GLU A 97 6.53 -6.28 7.82
N LYS A 98 6.34 -6.06 9.12
CA LYS A 98 7.14 -5.09 9.83
C LYS A 98 8.59 -5.57 9.90
N GLU A 99 9.52 -4.64 9.71
CA GLU A 99 10.92 -4.99 9.65
C GLU A 99 11.51 -5.15 11.06
N ASP A 100 12.33 -6.19 11.24
CA ASP A 100 13.10 -6.35 12.47
C ASP A 100 13.91 -5.09 12.69
N ASP B 7 -1.60 30.52 5.61
CA ASP B 7 -1.18 30.27 7.00
C ASP B 7 -0.94 28.78 7.32
N TYR B 8 -1.45 27.87 6.48
CA TYR B 8 -1.24 26.42 6.63
C TYR B 8 -0.46 25.93 5.42
N ILE B 9 0.70 25.34 5.66
CA ILE B 9 1.60 24.92 4.58
C ILE B 9 1.79 23.42 4.60
N PRO B 10 1.27 22.67 3.62
CA PRO B 10 1.48 21.22 3.61
C PRO B 10 2.95 20.86 3.42
N GLU B 11 3.40 19.84 4.16
CA GLU B 11 4.76 19.34 4.05
C GLU B 11 4.72 17.82 4.05
N PRO B 12 4.46 17.23 2.89
CA PRO B 12 4.47 15.76 2.79
C PRO B 12 5.86 15.19 3.07
N ASP B 14 9.15 13.18 2.42
CA ASP B 14 9.96 13.00 1.21
C ASP B 14 10.03 11.51 0.89
N LEU B 15 9.24 11.09 -0.10
CA LEU B 15 9.24 9.69 -0.51
C LEU B 15 10.07 9.46 -1.76
N SER B 16 10.78 10.49 -2.23
CA SER B 16 11.53 10.45 -3.49
C SER B 16 12.53 9.29 -3.55
N LEU B 17 12.96 8.74 -2.42
CA LEU B 17 14.00 7.72 -2.43
C LEU B 17 13.51 6.36 -1.96
N VAL B 18 12.22 6.17 -1.79
CA VAL B 18 11.69 4.90 -1.33
C VAL B 18 11.54 3.98 -2.52
N ASP B 19 12.11 2.77 -2.43
CA ASP B 19 12.09 1.83 -3.55
C ASP B 19 11.02 0.77 -3.32
N LEU B 20 10.14 0.62 -4.30
CA LEU B 20 9.08 -0.37 -4.32
C LEU B 20 9.40 -1.42 -5.36
N PRO B 21 9.08 -2.69 -5.10
CA PRO B 21 9.34 -3.71 -6.10
C PRO B 21 8.70 -3.38 -7.45
N GLU B 22 9.49 -3.56 -8.52
CA GLU B 22 8.98 -3.24 -9.85
C GLU B 22 7.73 -4.03 -10.19
N SER B 23 7.63 -5.28 -9.71
CA SER B 23 6.43 -6.07 -9.94
C SER B 23 5.19 -5.35 -9.45
N LEU B 24 5.33 -4.53 -8.41
CA LEU B 24 4.17 -3.84 -7.86
C LEU B 24 3.85 -2.61 -8.68
N ILE B 25 4.87 -1.80 -8.99
CA ILE B 25 4.67 -0.62 -9.82
C ILE B 25 4.02 -0.98 -11.15
N GLN B 26 4.33 -2.19 -11.66
CA GLN B 26 3.67 -2.63 -12.89
C GLN B 26 2.16 -2.71 -12.69
N LEU B 27 1.71 -2.96 -11.45
CA LEU B 27 0.29 -3.11 -11.16
C LEU B 27 -0.36 -1.83 -10.65
N SER B 28 0.31 -0.69 -10.77
CA SER B 28 -0.28 0.63 -10.53
C SER B 28 -1.73 0.73 -10.99
N GLU B 29 -2.00 0.39 -12.25
CA GLU B 29 -3.34 0.62 -12.80
C GLU B 29 -4.38 -0.28 -12.15
N ARG B 30 -4.03 -1.52 -11.81
CA ARG B 30 -4.99 -2.34 -11.10
C ARG B 30 -5.30 -1.72 -9.75
N ILE B 31 -4.30 -1.19 -9.07
CA ILE B 31 -4.54 -0.54 -7.78
C ILE B 31 -5.35 0.74 -7.97
N ALA B 32 -4.90 1.60 -8.88
CA ALA B 32 -5.65 2.82 -9.19
C ALA B 32 -7.08 2.50 -9.61
N GLU B 33 -7.26 1.52 -10.49
CA GLU B 33 -8.61 1.18 -10.95
C GLU B 33 -9.51 0.76 -9.80
N ASN B 34 -8.97 0.06 -8.79
CA ASN B 34 -9.86 -0.34 -7.70
C ASN B 34 -10.19 0.82 -6.78
N VAL B 35 -9.23 1.73 -6.53
CA VAL B 35 -9.55 2.85 -5.65
C VAL B 35 -10.62 3.71 -6.29
N HIS B 36 -10.56 3.84 -7.62
CA HIS B 36 -11.60 4.56 -8.34
C HIS B 36 -12.94 3.86 -8.20
N GLU B 37 -12.96 2.52 -8.24
CA GLU B 37 -14.22 1.79 -8.09
C GLU B 37 -14.82 2.02 -6.72
N VAL B 38 -13.99 1.99 -5.68
CA VAL B 38 -14.50 2.22 -4.33
C VAL B 38 -14.99 3.67 -4.22
N TRP B 39 -14.24 4.62 -4.77
CA TRP B 39 -14.66 6.01 -4.75
C TRP B 39 -15.98 6.18 -5.48
N ALA B 40 -16.04 5.66 -6.72
CA ALA B 40 -17.24 5.74 -7.53
C ALA B 40 -18.43 5.06 -6.84
N LYS B 41 -18.21 3.90 -6.24
CA LYS B 41 -19.33 3.20 -5.63
C LYS B 41 -19.91 4.02 -4.49
N ALA B 42 -19.07 4.76 -3.75
CA ALA B 42 -19.58 5.53 -2.63
C ALA B 42 -20.41 6.71 -3.08
N ARG B 43 -19.99 7.40 -4.16
CA ARG B 43 -20.76 8.53 -4.66
C ARG B 43 -22.08 8.06 -5.24
N ILE B 44 -22.06 7.01 -6.07
CA ILE B 44 -23.30 6.53 -6.67
C ILE B 44 -24.28 6.09 -5.59
N ASP B 45 -23.78 5.53 -4.48
CA ASP B 45 -24.66 5.12 -3.39
C ASP B 45 -25.29 6.32 -2.68
N GLU B 46 -24.72 7.51 -2.80
CA GLU B 46 -25.27 8.74 -2.26
C GLU B 46 -26.02 9.57 -3.30
N GLY B 47 -26.25 9.03 -4.49
CA GLY B 47 -27.03 9.72 -5.48
C GLY B 47 -26.25 10.51 -6.52
N TRP B 48 -24.92 10.41 -6.52
CA TRP B 48 -24.14 11.09 -7.54
C TRP B 48 -24.26 10.37 -8.89
N THR B 49 -24.12 11.14 -9.96
CA THR B 49 -24.21 10.61 -11.31
C THR B 49 -23.19 11.32 -12.18
N TYR B 50 -22.97 10.79 -13.39
CA TYR B 50 -22.06 11.44 -14.32
C TYR B 50 -22.70 12.71 -14.89
N GLY B 51 -21.93 13.78 -14.92
CA GLY B 51 -22.26 14.95 -15.71
C GLY B 51 -20.97 15.58 -16.15
N GLU B 52 -20.99 16.24 -17.31
CA GLU B 52 -19.70 16.67 -17.80
C GLU B 52 -19.22 17.95 -17.13
N LYS B 53 -20.01 18.52 -16.22
CA LYS B 53 -19.52 19.53 -15.30
C LYS B 53 -19.82 19.08 -13.88
N ARG B 54 -18.92 19.40 -12.95
CA ARG B 54 -19.16 19.09 -11.54
C ARG B 54 -20.19 20.04 -10.98
N ASP B 55 -21.15 19.48 -10.23
CA ASP B 55 -22.28 20.26 -9.68
C ASP B 55 -22.57 19.74 -8.28
N ASP B 56 -22.14 20.49 -7.26
CA ASP B 56 -22.38 20.07 -5.89
C ASP B 56 -23.87 20.03 -5.55
N ILE B 57 -24.72 20.58 -6.41
CA ILE B 57 -26.15 20.69 -6.14
C ILE B 57 -26.93 19.53 -6.79
N HIS B 58 -26.78 19.32 -8.08
CA HIS B 58 -27.40 18.17 -8.75
C HIS B 58 -26.58 16.89 -8.64
N LYS B 59 -25.50 16.89 -7.85
CA LYS B 59 -24.70 15.70 -7.58
C LYS B 59 -24.18 15.08 -8.86
N LYS B 60 -23.55 15.92 -9.67
CA LYS B 60 -23.06 15.51 -10.98
C LYS B 60 -21.54 15.61 -10.98
N HIS B 61 -20.87 14.49 -11.30
CA HIS B 61 -19.41 14.47 -11.32
C HIS B 61 -18.92 13.92 -12.65
N PRO B 62 -17.95 14.60 -13.30
CA PRO B 62 -17.45 14.09 -14.59
C PRO B 62 -16.59 12.82 -14.49
N CYS B 63 -16.08 12.47 -13.30
CA CYS B 63 -15.26 11.27 -13.13
C CYS B 63 -16.07 10.02 -12.76
N LEU B 64 -17.39 10.08 -12.81
CA LEU B 64 -18.18 8.88 -12.53
C LEU B 64 -18.32 8.02 -13.79
N VAL B 65 -17.17 7.59 -14.29
CA VAL B 65 -17.08 6.75 -15.49
C VAL B 65 -16.18 5.56 -15.16
N PRO B 66 -16.27 4.49 -15.96
CA PRO B 66 -15.29 3.41 -15.82
C PRO B 66 -13.89 3.99 -15.78
N TYR B 67 -13.02 3.37 -14.98
CA TYR B 67 -11.66 3.90 -14.82
C TYR B 67 -10.95 4.05 -16.18
N ASP B 68 -11.19 3.13 -17.11
CA ASP B 68 -10.51 3.22 -18.40
C ASP B 68 -10.99 4.39 -19.24
N GLU B 69 -12.14 4.96 -18.93
CA GLU B 69 -12.66 6.11 -19.66
C GLU B 69 -12.16 7.44 -19.11
N LEU B 70 -11.38 7.43 -18.04
CA LEU B 70 -10.89 8.67 -17.45
C LEU B 70 -9.85 9.33 -18.36
N PRO B 71 -9.76 10.66 -18.34
CA PRO B 71 -8.63 11.34 -19.00
C PRO B 71 -7.32 10.80 -18.46
N GLU B 72 -6.32 10.71 -19.33
CA GLU B 72 -5.05 10.16 -18.91
C GLU B 72 -4.49 10.92 -17.72
N GLU B 73 -4.70 12.24 -17.68
CA GLU B 73 -4.25 13.06 -16.57
C GLU B 73 -4.84 12.59 -15.24
N GLU B 74 -6.11 12.15 -15.26
CA GLU B 74 -6.76 11.68 -14.04
C GLU B 74 -6.28 10.29 -13.61
N LYS B 75 -6.14 9.35 -14.55
CA LYS B 75 -5.54 8.06 -14.21
C LYS B 75 -4.15 8.23 -13.65
N GLU B 76 -3.36 9.12 -14.27
CA GLU B 76 -2.00 9.38 -13.81
C GLU B 76 -2.01 9.82 -12.36
N ALA B 77 -2.90 10.75 -12.01
CA ALA B 77 -3.06 11.18 -10.62
C ALA B 77 -3.38 10.00 -9.71
N ASP B 78 -4.37 9.18 -10.10
CA ASP B 78 -4.75 8.03 -9.27
C ASP B 78 -3.59 7.06 -9.07
N ARG B 79 -2.83 6.78 -10.12
CA ARG B 79 -1.68 5.90 -9.98
C ARG B 79 -0.65 6.47 -9.02
N ASN B 80 -0.34 7.76 -9.16
CA ASN B 80 0.67 8.33 -8.28
C ASN B 80 0.20 8.35 -6.84
N THR B 81 -1.08 8.70 -6.61
CA THR B 81 -1.67 8.62 -5.28
C THR B 81 -1.51 7.23 -4.68
N ALA B 82 -1.86 6.19 -5.44
CA ALA B 82 -1.73 4.85 -4.91
C ALA B 82 -0.27 4.55 -4.55
N ASN B 84 2.21 6.67 -3.71
CA ASN B 84 2.67 7.40 -2.54
C ASN B 84 2.12 6.79 -1.25
N THR B 85 0.87 6.32 -1.26
CA THR B 85 0.34 5.63 -0.08
C THR B 85 1.16 4.39 0.26
N ILE B 86 1.59 3.65 -0.77
CA ILE B 86 2.35 2.44 -0.51
C ILE B 86 3.80 2.77 -0.18
N LYS B 87 4.33 3.89 -0.69
CA LYS B 87 5.68 4.27 -0.32
C LYS B 87 5.76 4.64 1.17
N VAL B 89 4.01 3.25 3.60
CA VAL B 89 4.14 1.97 4.30
C VAL B 89 5.59 1.55 4.38
N LYS B 90 6.30 1.63 3.26
CA LYS B 90 7.69 1.22 3.22
C LYS B 90 8.54 2.14 4.07
N LYS B 91 8.29 3.46 3.98
CA LYS B 91 9.00 4.42 4.82
C LYS B 91 8.68 4.22 6.31
N LEU B 92 7.51 3.69 6.66
CA LEU B 92 7.18 3.49 8.07
C LEU B 92 7.75 2.20 8.67
N GLY B 93 8.57 1.47 7.92
CA GLY B 93 9.25 0.29 8.42
C GLY B 93 8.67 -1.06 8.04
N PHE B 94 8.07 -1.18 6.86
CA PHE B 94 7.43 -2.43 6.46
C PHE B 94 8.06 -2.96 5.18
N ARG B 95 8.35 -4.26 5.16
CA ARG B 95 8.78 -4.92 3.94
C ARG B 95 7.58 -5.19 3.03
N ILE B 96 7.78 -4.96 1.73
CA ILE B 96 6.81 -5.30 0.70
C ILE B 96 7.51 -6.18 -0.32
N GLU B 97 7.19 -7.46 -0.33
CA GLU B 97 7.80 -8.38 -1.29
C GLU B 97 6.74 -9.24 -1.94
N LYS B 98 6.92 -9.51 -3.23
CA LYS B 98 6.03 -10.41 -3.93
C LYS B 98 6.16 -11.81 -3.35
N GLU B 99 5.05 -12.51 -3.24
CA GLU B 99 5.06 -13.89 -2.78
C GLU B 99 5.33 -14.83 -3.94
N ASP B 100 6.33 -15.68 -3.80
CA ASP B 100 6.69 -16.60 -4.87
C ASP B 100 6.56 -18.04 -4.41
N ASP C 7 27.48 -26.56 -25.55
CA ASP C 7 26.45 -26.27 -26.54
C ASP C 7 26.06 -24.79 -26.52
N TYR C 8 24.76 -24.50 -26.46
CA TYR C 8 24.24 -23.13 -26.50
C TYR C 8 23.90 -22.64 -25.10
N ILE C 9 24.67 -21.69 -24.61
CA ILE C 9 24.46 -21.10 -23.29
C ILE C 9 24.12 -19.62 -23.48
N PRO C 10 22.84 -19.25 -23.37
CA PRO C 10 22.46 -17.84 -23.55
C PRO C 10 23.02 -16.92 -22.47
N GLU C 11 23.41 -15.72 -22.89
CA GLU C 11 24.10 -14.75 -22.03
C GLU C 11 23.47 -13.38 -22.23
N PRO C 12 22.27 -13.17 -21.69
CA PRO C 12 21.61 -11.87 -21.83
C PRO C 12 22.37 -10.81 -21.06
N ASP C 14 23.10 -7.83 -18.58
CA ASP C 14 22.63 -7.57 -17.23
C ASP C 14 21.95 -6.21 -17.18
N LEU C 15 20.63 -6.20 -17.01
CA LEU C 15 19.84 -4.97 -16.99
C LEU C 15 19.31 -4.65 -15.60
N SER C 16 19.85 -5.28 -14.57
CA SER C 16 19.28 -5.16 -13.23
C SER C 16 19.57 -3.81 -12.58
N LEU C 17 20.56 -3.08 -13.07
CA LEU C 17 20.83 -1.74 -12.59
C LEU C 17 20.28 -0.66 -13.51
N VAL C 18 19.45 -1.02 -14.48
CA VAL C 18 18.92 -0.01 -15.38
C VAL C 18 17.67 0.61 -14.75
N ASP C 19 17.66 1.93 -14.63
CA ASP C 19 16.54 2.69 -14.06
C ASP C 19 15.69 3.25 -15.19
N LEU C 20 14.42 2.85 -15.23
CA LEU C 20 13.35 3.34 -16.08
C LEU C 20 12.51 4.34 -15.31
N PRO C 21 11.97 5.36 -15.95
CA PRO C 21 11.11 6.30 -15.21
C PRO C 21 9.91 5.57 -14.61
N GLU C 22 9.52 5.97 -13.40
CA GLU C 22 8.42 5.28 -12.75
C GLU C 22 7.09 5.52 -13.47
N SER C 23 6.92 6.67 -14.12
CA SER C 23 5.72 6.83 -14.94
C SER C 23 5.66 5.78 -16.04
N LEU C 24 6.81 5.38 -16.60
CA LEU C 24 6.81 4.37 -17.66
C LEU C 24 6.47 2.99 -17.10
N ILE C 25 7.08 2.62 -15.98
CA ILE C 25 6.79 1.31 -15.39
C ILE C 25 5.32 1.21 -15.05
N GLN C 26 4.69 2.33 -14.68
CA GLN C 26 3.26 2.29 -14.35
C GLN C 26 2.43 1.94 -15.56
N LEU C 27 3.02 1.99 -16.75
CA LEU C 27 2.30 1.71 -17.97
C LEU C 27 2.68 0.37 -18.58
N SER C 28 3.42 -0.48 -17.84
CA SER C 28 3.77 -1.81 -18.34
C SER C 28 2.54 -2.54 -18.90
N GLU C 29 1.39 -2.44 -18.23
CA GLU C 29 0.22 -3.17 -18.70
C GLU C 29 -0.23 -2.66 -20.06
N ARG C 30 -0.34 -1.33 -20.20
CA ARG C 30 -0.78 -0.79 -21.48
C ARG C 30 0.15 -1.20 -22.60
N ILE C 31 1.45 -1.29 -22.31
CA ILE C 31 2.41 -1.69 -23.33
C ILE C 31 2.21 -3.16 -23.64
N ALA C 32 2.27 -4.00 -22.61
CA ALA C 32 2.08 -5.43 -22.81
C ALA C 32 0.76 -5.71 -23.50
N GLU C 33 -0.30 -4.96 -23.19
CA GLU C 33 -1.57 -5.22 -23.83
C GLU C 33 -1.51 -4.98 -25.33
N ASN C 34 -0.88 -3.89 -25.76
CA ASN C 34 -0.80 -3.64 -27.19
C ASN C 34 0.06 -4.69 -27.88
N VAL C 35 1.22 -5.00 -27.30
CA VAL C 35 2.10 -6.01 -27.89
C VAL C 35 1.35 -7.31 -28.09
N HIS C 36 0.45 -7.64 -27.16
CA HIS C 36 -0.36 -8.84 -27.28
C HIS C 36 -1.32 -8.74 -28.47
N GLU C 37 -1.86 -7.55 -28.73
CA GLU C 37 -2.80 -7.37 -29.84
C GLU C 37 -2.11 -7.48 -31.18
N VAL C 38 -0.96 -6.83 -31.32
CA VAL C 38 -0.16 -6.95 -32.53
C VAL C 38 0.15 -8.42 -32.81
N TRP C 39 0.62 -9.14 -31.78
CA TRP C 39 0.80 -10.57 -31.90
C TRP C 39 -0.50 -11.26 -32.32
N ALA C 40 -1.60 -10.93 -31.65
CA ALA C 40 -2.85 -11.65 -31.90
C ALA C 40 -3.38 -11.37 -33.31
N LYS C 41 -3.40 -10.09 -33.71
CA LYS C 41 -3.87 -9.77 -35.05
C LYS C 41 -3.04 -10.44 -36.14
N ALA C 42 -1.76 -10.69 -35.88
CA ALA C 42 -0.95 -11.43 -36.85
C ALA C 42 -1.39 -12.88 -36.90
N ARG C 43 -1.45 -13.54 -35.74
CA ARG C 43 -1.78 -14.96 -35.73
C ARG C 43 -3.16 -15.19 -36.33
N ILE C 44 -4.10 -14.30 -36.04
CA ILE C 44 -5.46 -14.50 -36.53
C ILE C 44 -5.50 -14.37 -38.05
N ASP C 45 -4.68 -13.47 -38.61
CA ASP C 45 -4.69 -13.23 -40.05
C ASP C 45 -3.94 -14.30 -40.83
N GLU C 46 -3.09 -15.09 -40.17
CA GLU C 46 -2.52 -16.30 -40.76
C GLU C 46 -3.34 -17.55 -40.40
N GLY C 47 -4.57 -17.37 -39.93
CA GLY C 47 -5.50 -18.46 -39.75
C GLY C 47 -5.63 -19.02 -38.35
N TRP C 48 -4.76 -18.61 -37.42
CA TRP C 48 -4.79 -19.18 -36.07
C TRP C 48 -6.09 -18.80 -35.35
N THR C 49 -6.57 -19.73 -34.54
CA THR C 49 -7.78 -19.56 -33.72
C THR C 49 -7.46 -19.94 -32.28
N TYR C 50 -8.41 -19.71 -31.39
CA TYR C 50 -8.22 -20.14 -30.01
C TYR C 50 -8.30 -21.67 -29.95
N GLY C 51 -7.68 -22.24 -28.91
CA GLY C 51 -7.77 -23.66 -28.63
C GLY C 51 -7.34 -23.95 -27.21
N GLU C 52 -8.04 -24.87 -26.53
CA GLU C 52 -7.65 -25.21 -25.16
C GLU C 52 -6.20 -25.64 -25.06
N LYS C 53 -5.61 -26.06 -26.18
CA LYS C 53 -4.25 -26.60 -26.21
C LYS C 53 -3.48 -26.01 -27.39
N ARG C 54 -2.21 -25.67 -27.14
CA ARG C 54 -1.26 -25.28 -28.17
C ARG C 54 -1.10 -26.39 -29.20
N ASP C 55 -1.75 -26.27 -30.35
CA ASP C 55 -1.64 -27.29 -31.40
C ASP C 55 -1.22 -26.62 -32.70
N ASP C 56 0.07 -26.68 -32.98
CA ASP C 56 0.72 -26.00 -34.12
C ASP C 56 0.25 -26.51 -35.48
N ILE C 57 -0.45 -27.65 -35.55
CA ILE C 57 -0.81 -28.16 -36.87
C ILE C 57 -2.27 -27.81 -37.15
N HIS C 58 -3.08 -27.68 -36.11
CA HIS C 58 -4.44 -27.19 -36.25
C HIS C 58 -4.52 -25.68 -36.11
N LYS C 59 -3.37 -25.01 -35.94
CA LYS C 59 -3.31 -23.56 -35.77
C LYS C 59 -4.17 -23.09 -34.59
N LYS C 60 -4.09 -23.85 -33.49
CA LYS C 60 -4.79 -23.53 -32.26
C LYS C 60 -3.81 -22.94 -31.24
N HIS C 61 -4.26 -21.88 -30.55
CA HIS C 61 -3.44 -21.26 -29.52
C HIS C 61 -4.35 -20.86 -28.36
N PRO C 62 -3.99 -21.22 -27.12
CA PRO C 62 -4.82 -20.83 -25.96
C PRO C 62 -4.74 -19.37 -25.57
N CYS C 63 -3.74 -18.62 -26.03
CA CYS C 63 -3.59 -17.21 -25.68
C CYS C 63 -4.26 -16.28 -26.68
N LEU C 64 -4.94 -16.81 -27.70
CA LEU C 64 -5.62 -15.98 -28.70
C LEU C 64 -6.91 -15.42 -28.11
N VAL C 65 -6.72 -14.63 -27.06
CA VAL C 65 -7.81 -14.13 -26.22
C VAL C 65 -7.50 -12.68 -25.88
N PRO C 66 -8.53 -11.87 -25.59
CA PRO C 66 -8.28 -10.57 -24.96
C PRO C 66 -7.17 -10.65 -23.92
N TYR C 67 -6.34 -9.60 -23.88
CA TYR C 67 -5.22 -9.60 -22.95
C TYR C 67 -5.70 -9.78 -21.52
N ASP C 68 -6.86 -9.22 -21.18
CA ASP C 68 -7.34 -9.29 -19.80
C ASP C 68 -7.71 -10.70 -19.42
N GLU C 69 -8.11 -11.51 -20.39
CA GLU C 69 -8.49 -12.89 -20.10
C GLU C 69 -7.29 -13.79 -19.94
N LEU C 70 -6.08 -13.29 -20.23
CA LEU C 70 -4.91 -14.12 -20.04
C LEU C 70 -4.72 -14.42 -18.56
N PRO C 71 -4.16 -15.57 -18.25
CA PRO C 71 -3.68 -15.82 -16.88
C PRO C 71 -2.68 -14.75 -16.46
N GLU C 72 -2.84 -14.26 -15.22
CA GLU C 72 -1.90 -13.31 -14.65
C GLU C 72 -0.45 -13.74 -14.84
N GLU C 73 -0.18 -15.06 -14.87
CA GLU C 73 1.17 -15.55 -15.12
C GLU C 73 1.70 -15.10 -16.49
N GLU C 74 0.81 -15.02 -17.48
CA GLU C 74 1.17 -14.62 -18.85
C GLU C 74 1.25 -13.11 -19.01
N LYS C 75 0.42 -12.37 -18.26
CA LYS C 75 0.57 -10.92 -18.21
C LYS C 75 1.92 -10.52 -17.62
N GLU C 76 2.35 -11.13 -16.51
CA GLU C 76 3.66 -10.81 -15.94
C GLU C 76 4.75 -10.99 -16.98
N ALA C 77 4.70 -12.11 -17.71
CA ALA C 77 5.71 -12.35 -18.74
C ALA C 77 5.70 -11.23 -19.77
N ASP C 78 4.52 -10.91 -20.29
CA ASP C 78 4.42 -9.83 -21.26
C ASP C 78 4.93 -8.52 -20.69
N ARG C 79 4.56 -8.19 -19.45
CA ARG C 79 5.02 -6.95 -18.85
C ARG C 79 6.53 -6.94 -18.74
N ASN C 80 7.11 -8.06 -18.31
CA ASN C 80 8.54 -8.11 -18.09
C ASN C 80 9.31 -8.10 -19.40
N THR C 81 8.78 -8.73 -20.44
CA THR C 81 9.42 -8.66 -21.74
C THR C 81 9.48 -7.22 -22.24
N ALA C 82 8.31 -6.55 -22.20
CA ALA C 82 8.23 -5.14 -22.57
C ALA C 82 9.29 -4.33 -21.84
N ASN C 84 11.97 -5.22 -20.37
CA ASN C 84 13.35 -5.62 -20.66
C ASN C 84 13.79 -5.13 -22.02
N THR C 85 12.88 -5.11 -22.99
CA THR C 85 13.14 -4.47 -24.28
C THR C 85 13.46 -3.00 -24.08
N ILE C 86 12.69 -2.31 -23.23
CA ILE C 86 12.91 -0.89 -23.02
C ILE C 86 14.19 -0.67 -22.23
N LYS C 87 14.47 -1.52 -21.25
CA LYS C 87 15.71 -1.36 -20.51
C LYS C 87 16.92 -1.46 -21.42
N VAL C 89 17.03 -0.37 -24.56
CA VAL C 89 17.12 0.96 -25.15
C VAL C 89 17.91 1.90 -24.24
N LYS C 90 17.61 1.90 -22.94
CA LYS C 90 18.33 2.81 -22.06
C LYS C 90 19.78 2.41 -21.90
N LYS C 91 20.06 1.09 -21.82
CA LYS C 91 21.42 0.60 -21.74
C LYS C 91 22.26 0.98 -22.98
N LEU C 92 21.65 1.07 -24.15
CA LEU C 92 22.38 1.39 -25.37
C LEU C 92 22.59 2.88 -25.57
N GLY C 93 22.32 3.70 -24.56
CA GLY C 93 22.65 5.11 -24.64
C GLY C 93 21.54 6.03 -25.06
N PHE C 94 20.29 5.71 -24.73
CA PHE C 94 19.13 6.53 -25.08
C PHE C 94 18.41 6.99 -23.83
N ARG C 95 18.07 8.28 -23.80
CA ARG C 95 17.24 8.84 -22.73
C ARG C 95 15.76 8.52 -22.97
N ILE C 96 15.06 8.18 -21.89
CA ILE C 96 13.61 8.02 -21.92
C ILE C 96 13.02 8.98 -20.89
N GLU C 97 12.24 9.96 -21.34
CA GLU C 97 11.68 11.00 -20.47
C GLU C 97 10.21 11.25 -20.82
N LYS C 98 9.38 11.32 -19.78
CA LYS C 98 8.01 11.73 -20.00
C LYS C 98 7.96 13.19 -20.46
N GLU C 99 7.14 13.45 -21.46
CA GLU C 99 7.02 14.80 -21.99
C GLU C 99 6.22 15.66 -21.04
N ASP C 100 6.60 16.94 -20.93
CA ASP C 100 5.95 17.87 -20.01
C ASP C 100 5.33 19.03 -20.77
N ASN D 4 -18.05 -20.42 -34.20
CA ASN D 4 -17.09 -20.02 -33.19
C ASN D 4 -17.81 -19.33 -32.03
N LYS D 5 -17.12 -19.26 -30.90
CA LYS D 5 -17.60 -18.58 -29.70
C LYS D 5 -16.65 -17.48 -29.19
N LEU D 6 -15.45 -17.37 -29.76
CA LEU D 6 -14.52 -16.28 -29.53
C LEU D 6 -14.65 -15.28 -30.68
N ASP D 7 -15.09 -14.05 -30.36
CA ASP D 7 -15.22 -13.01 -31.37
C ASP D 7 -14.08 -12.01 -31.24
N TYR D 8 -12.95 -12.49 -30.71
CA TYR D 8 -11.78 -11.63 -30.46
C TYR D 8 -11.35 -10.92 -31.72
N ILE D 9 -11.54 -9.60 -31.75
CA ILE D 9 -10.95 -8.79 -32.81
C ILE D 9 -9.84 -7.98 -32.18
N PRO D 10 -8.58 -8.40 -32.37
CA PRO D 10 -7.46 -7.53 -31.99
C PRO D 10 -7.61 -6.17 -32.64
N GLU D 11 -7.38 -5.11 -31.86
CA GLU D 11 -7.35 -3.74 -32.35
C GLU D 11 -6.10 -3.09 -31.78
N PRO D 12 -4.94 -3.36 -32.35
CA PRO D 12 -3.70 -2.69 -31.91
C PRO D 12 -3.76 -1.20 -32.21
N ASP D 14 -2.64 2.44 -33.63
CA ASP D 14 -2.01 2.95 -34.86
C ASP D 14 -0.65 3.53 -34.49
N LEU D 15 0.40 2.76 -34.71
CA LEU D 15 1.75 3.25 -34.48
C LEU D 15 2.42 3.70 -35.76
N SER D 16 1.65 3.78 -36.85
CA SER D 16 2.23 3.97 -38.17
C SER D 16 2.78 5.37 -38.37
N LEU D 17 2.39 6.31 -37.52
CA LEU D 17 2.91 7.67 -37.61
C LEU D 17 3.92 7.97 -36.52
N VAL D 18 4.37 6.98 -35.77
CA VAL D 18 5.38 7.19 -34.73
C VAL D 18 6.76 7.10 -35.37
N ASP D 19 7.59 8.12 -35.16
CA ASP D 19 8.92 8.19 -35.75
C ASP D 19 9.98 8.05 -34.65
N LEU D 20 10.66 6.91 -34.63
CA LEU D 20 11.77 6.67 -33.71
C LEU D 20 13.06 7.29 -34.28
N PRO D 21 14.02 7.62 -33.42
CA PRO D 21 15.32 8.09 -33.93
C PRO D 21 15.97 7.03 -34.81
N GLU D 22 16.56 7.48 -35.92
CA GLU D 22 17.20 6.53 -36.83
C GLU D 22 18.33 5.77 -36.14
N SER D 23 19.04 6.40 -35.19
CA SER D 23 20.06 5.70 -34.42
C SER D 23 19.47 4.53 -33.64
N LEU D 24 18.22 4.64 -33.20
CA LEU D 24 17.61 3.52 -32.48
C LEU D 24 17.27 2.39 -33.43
N ILE D 25 16.63 2.70 -34.56
CA ILE D 25 16.32 1.65 -35.51
C ILE D 25 17.58 0.96 -35.99
N GLN D 26 18.72 1.66 -36.01
CA GLN D 26 19.95 0.98 -36.41
C GLN D 26 20.29 -0.13 -35.44
N LEU D 27 19.82 -0.02 -34.19
CA LEU D 27 20.12 -0.99 -33.15
C LEU D 27 19.02 -2.01 -32.95
N SER D 28 18.07 -2.12 -33.89
CA SER D 28 17.01 -3.12 -33.80
C SER D 28 17.62 -4.50 -33.53
N GLU D 29 18.57 -4.92 -34.37
CA GLU D 29 19.18 -6.25 -34.24
C GLU D 29 19.74 -6.47 -32.85
N ARG D 30 20.48 -5.48 -32.34
CA ARG D 30 21.12 -5.62 -31.04
C ARG D 30 20.08 -5.82 -29.94
N ILE D 31 18.94 -5.12 -30.06
CA ILE D 31 17.85 -5.25 -29.09
C ILE D 31 17.17 -6.62 -29.23
N ALA D 32 16.77 -6.96 -30.44
CA ALA D 32 16.15 -8.26 -30.68
C ALA D 32 17.04 -9.42 -30.27
N GLU D 33 18.35 -9.31 -30.51
CA GLU D 33 19.23 -10.37 -30.03
C GLU D 33 19.09 -10.54 -28.53
N ASN D 34 19.12 -9.44 -27.78
CA ASN D 34 19.04 -9.59 -26.33
C ASN D 34 17.67 -10.10 -25.89
N VAL D 35 16.60 -9.63 -26.51
CA VAL D 35 15.30 -10.18 -26.16
C VAL D 35 15.27 -11.68 -26.37
N HIS D 36 15.93 -12.15 -27.44
CA HIS D 36 16.06 -13.59 -27.68
C HIS D 36 16.91 -14.28 -26.62
N GLU D 37 18.02 -13.66 -26.20
CA GLU D 37 18.83 -14.32 -25.19
C GLU D 37 18.03 -14.53 -23.90
N VAL D 38 17.22 -13.54 -23.54
CA VAL D 38 16.41 -13.65 -22.33
C VAL D 38 15.38 -14.75 -22.51
N TRP D 39 14.72 -14.77 -23.66
CA TRP D 39 13.71 -15.77 -23.93
C TRP D 39 14.30 -17.19 -23.92
N ALA D 40 15.45 -17.38 -24.59
CA ALA D 40 16.08 -18.70 -24.64
C ALA D 40 16.53 -19.15 -23.26
N LYS D 41 17.09 -18.25 -22.45
CA LYS D 41 17.51 -18.65 -21.11
C LYS D 41 16.32 -19.12 -20.27
N ALA D 42 15.18 -18.43 -20.41
CA ALA D 42 13.99 -18.84 -19.66
C ALA D 42 13.56 -20.25 -20.03
N ARG D 43 13.56 -20.55 -21.34
CA ARG D 43 13.08 -21.85 -21.77
C ARG D 43 14.06 -22.96 -21.45
N ILE D 44 15.36 -22.69 -21.61
CA ILE D 44 16.36 -23.71 -21.29
C ILE D 44 16.33 -24.06 -19.81
N ASP D 45 16.05 -23.08 -18.95
CA ASP D 45 15.94 -23.34 -17.53
C ASP D 45 14.61 -24.00 -17.15
N GLU D 46 13.58 -23.87 -17.99
CA GLU D 46 12.37 -24.67 -17.82
C GLU D 46 12.46 -26.02 -18.52
N GLY D 47 13.66 -26.43 -18.95
CA GLY D 47 13.86 -27.72 -19.52
C GLY D 47 13.75 -27.81 -21.03
N TRP D 48 13.63 -26.69 -21.73
CA TRP D 48 13.49 -26.79 -23.18
C TRP D 48 14.83 -27.06 -23.85
N THR D 49 14.75 -27.66 -25.04
CA THR D 49 15.92 -28.05 -25.82
C THR D 49 15.66 -27.75 -27.30
N TYR D 50 16.74 -27.64 -28.06
CA TYR D 50 16.59 -27.51 -29.49
C TYR D 50 15.94 -28.75 -30.08
N GLY D 51 15.08 -28.53 -31.05
CA GLY D 51 14.54 -29.62 -31.83
C GLY D 51 14.28 -29.10 -33.22
N GLU D 52 14.37 -30.00 -34.20
CA GLU D 52 14.02 -29.69 -35.58
C GLU D 52 12.66 -29.00 -35.70
N LYS D 53 11.69 -29.38 -34.86
CA LYS D 53 10.32 -28.93 -34.96
C LYS D 53 9.73 -28.80 -33.56
N ARG D 54 8.72 -27.95 -33.42
CA ARG D 54 8.17 -27.59 -32.11
C ARG D 54 7.39 -28.75 -31.50
N ASP D 55 7.45 -28.84 -30.16
CA ASP D 55 6.69 -29.84 -29.41
C ASP D 55 6.69 -29.56 -27.91
N ASP D 56 5.51 -29.25 -27.35
CA ASP D 56 5.43 -28.77 -25.97
C ASP D 56 5.64 -29.90 -24.98
N ILE D 57 4.97 -31.03 -25.22
CA ILE D 57 5.19 -32.25 -24.45
C ILE D 57 6.68 -32.42 -24.16
N HIS D 58 7.47 -32.46 -25.23
CA HIS D 58 8.89 -32.80 -25.13
C HIS D 58 9.82 -31.60 -25.00
N LYS D 59 9.28 -30.37 -24.99
CA LYS D 59 10.06 -29.15 -24.76
C LYS D 59 11.18 -29.00 -25.79
N LYS D 60 10.79 -29.09 -27.06
CA LYS D 60 11.72 -29.01 -28.19
C LYS D 60 11.32 -27.83 -29.07
N HIS D 61 12.25 -26.90 -29.27
CA HIS D 61 11.96 -25.70 -30.03
C HIS D 61 13.05 -25.46 -31.07
N PRO D 62 12.68 -25.19 -32.33
CA PRO D 62 13.70 -24.91 -33.36
C PRO D 62 14.40 -23.57 -33.22
N CYS D 63 13.98 -22.70 -32.31
CA CYS D 63 14.56 -21.38 -32.16
C CYS D 63 15.46 -21.27 -30.95
N LEU D 64 15.77 -22.38 -30.29
CA LEU D 64 16.75 -22.38 -29.19
C LEU D 64 18.17 -22.52 -29.75
N VAL D 65 18.54 -21.56 -30.60
CA VAL D 65 19.87 -21.45 -31.19
C VAL D 65 20.32 -20.01 -30.99
N PRO D 66 21.62 -19.73 -31.11
CA PRO D 66 22.07 -18.34 -31.11
C PRO D 66 21.30 -17.48 -32.13
N TYR D 67 20.94 -16.27 -31.71
CA TYR D 67 20.17 -15.35 -32.58
C TYR D 67 20.69 -15.32 -34.02
N ASP D 68 22.01 -15.18 -34.21
CA ASP D 68 22.58 -15.09 -35.55
C ASP D 68 22.13 -16.24 -36.46
N GLU D 69 21.82 -17.40 -35.89
CA GLU D 69 21.46 -18.58 -36.67
C GLU D 69 19.97 -18.73 -36.92
N LEU D 70 19.14 -17.88 -36.32
CA LEU D 70 17.74 -17.84 -36.68
C LEU D 70 17.61 -17.57 -38.19
N PRO D 71 16.61 -18.17 -38.83
CA PRO D 71 16.22 -17.71 -40.17
C PRO D 71 15.84 -16.23 -40.14
N GLU D 72 16.09 -15.55 -41.27
CA GLU D 72 15.92 -14.10 -41.33
C GLU D 72 14.48 -13.66 -41.13
N GLU D 73 13.53 -14.50 -41.57
CA GLU D 73 12.13 -14.23 -41.28
C GLU D 73 11.89 -14.08 -39.79
N GLU D 74 12.54 -14.91 -38.99
CA GLU D 74 12.37 -14.85 -37.55
C GLU D 74 13.05 -13.61 -36.95
N LYS D 75 14.31 -13.38 -37.34
CA LYS D 75 14.97 -12.13 -36.97
C LYS D 75 14.10 -10.93 -37.34
N GLU D 76 13.46 -10.96 -38.52
CA GLU D 76 12.59 -9.86 -38.94
C GLU D 76 11.47 -9.63 -37.93
N ALA D 77 10.73 -10.71 -37.62
CA ALA D 77 9.68 -10.66 -36.61
C ALA D 77 10.22 -10.12 -35.30
N ASP D 78 11.33 -10.69 -34.81
CA ASP D 78 11.95 -10.21 -33.59
C ASP D 78 12.21 -8.71 -33.63
N ARG D 79 12.86 -8.23 -34.68
CA ARG D 79 13.18 -6.81 -34.77
C ARG D 79 11.91 -5.97 -34.78
N ASN D 80 10.88 -6.41 -35.52
CA ASN D 80 9.65 -5.62 -35.60
C ASN D 80 8.92 -5.59 -34.27
N THR D 81 8.89 -6.70 -33.55
CA THR D 81 8.31 -6.68 -32.20
C THR D 81 8.96 -5.60 -31.35
N ALA D 82 10.30 -5.62 -31.27
CA ALA D 82 10.99 -4.69 -30.41
C ALA D 82 10.62 -3.26 -30.77
N ASN D 84 8.10 -2.12 -32.27
CA ASN D 84 6.71 -1.84 -31.91
C ASN D 84 6.56 -1.54 -30.42
N THR D 85 7.24 -2.31 -29.58
CA THR D 85 7.22 -2.04 -28.15
C THR D 85 7.68 -0.62 -27.88
N ILE D 86 8.77 -0.20 -28.53
CA ILE D 86 9.34 1.10 -28.25
C ILE D 86 8.47 2.20 -28.82
N LYS D 87 7.87 1.98 -29.99
CA LYS D 87 6.97 2.98 -30.56
C LYS D 87 5.82 3.30 -29.61
N VAL D 89 6.00 3.29 -26.44
CA VAL D 89 6.54 4.21 -25.43
C VAL D 89 6.46 5.65 -25.94
N LYS D 90 6.90 5.88 -27.17
CA LYS D 90 6.86 7.24 -27.70
C LYS D 90 5.41 7.70 -27.85
N LYS D 91 4.52 6.80 -28.33
CA LYS D 91 3.10 7.09 -28.49
C LYS D 91 2.42 7.38 -27.16
N LEU D 92 2.90 6.81 -26.06
CA LEU D 92 2.37 7.08 -24.73
C LEU D 92 2.95 8.34 -24.12
N GLY D 93 3.68 9.16 -24.89
CA GLY D 93 4.13 10.45 -24.42
C GLY D 93 5.52 10.51 -23.79
N PHE D 94 6.46 9.72 -24.28
CA PHE D 94 7.82 9.71 -23.76
C PHE D 94 8.79 10.18 -24.84
N ARG D 95 9.77 11.01 -24.47
CA ARG D 95 10.86 11.36 -25.39
C ARG D 95 11.87 10.21 -25.43
N ILE D 96 12.38 9.91 -26.61
CA ILE D 96 13.52 8.99 -26.75
C ILE D 96 14.63 9.70 -27.53
N GLU D 97 15.75 9.93 -26.86
CA GLU D 97 16.84 10.69 -27.45
C GLU D 97 18.14 9.96 -27.16
N LYS D 98 18.96 9.81 -28.20
CA LYS D 98 20.30 9.31 -27.99
C LYS D 98 21.07 10.33 -27.17
N GLU D 99 21.86 9.83 -26.23
CA GLU D 99 22.55 10.69 -25.27
C GLU D 99 23.77 11.32 -25.91
N ASP D 100 24.42 12.21 -25.17
CA ASP D 100 25.57 12.96 -25.66
C ASP D 100 26.87 12.45 -25.06
N ASP E 7 11.55 -16.00 41.76
CA ASP E 7 10.95 -16.94 40.80
C ASP E 7 9.45 -16.67 40.66
N TYR E 8 9.16 -15.53 40.06
CA TYR E 8 7.82 -15.12 39.67
C TYR E 8 7.76 -15.17 38.15
N ILE E 9 6.84 -15.97 37.62
CA ILE E 9 6.72 -16.18 36.18
C ILE E 9 5.36 -15.65 35.74
N PRO E 10 5.30 -14.42 35.22
CA PRO E 10 4.01 -13.88 34.74
C PRO E 10 3.40 -14.75 33.65
N GLU E 11 2.08 -14.92 33.73
CA GLU E 11 1.31 -15.72 32.79
C GLU E 11 0.15 -14.88 32.28
N PRO E 12 0.43 -13.90 31.42
CA PRO E 12 -0.66 -13.11 30.84
C PRO E 12 -1.56 -13.98 29.99
N ASP E 14 -3.88 -15.18 26.75
CA ASP E 14 -3.66 -15.26 25.31
C ASP E 14 -4.73 -14.43 24.61
N LEU E 15 -4.33 -13.28 24.08
CA LEU E 15 -5.23 -12.41 23.36
C LEU E 15 -4.92 -12.40 21.87
N SER E 16 -4.09 -13.33 21.39
CA SER E 16 -3.65 -13.25 20.01
C SER E 16 -4.77 -13.55 19.04
N LEU E 17 -5.82 -14.20 19.52
CA LEU E 17 -6.96 -14.54 18.69
C LEU E 17 -8.13 -13.60 18.90
N VAL E 18 -7.95 -12.54 19.69
CA VAL E 18 -9.04 -11.62 19.97
C VAL E 18 -9.15 -10.62 18.83
N ASP E 19 -10.36 -10.45 18.30
CA ASP E 19 -10.61 -9.58 17.16
C ASP E 19 -11.42 -8.36 17.61
N LEU E 20 -10.84 -7.18 17.43
CA LEU E 20 -11.19 -5.79 17.67
C LEU E 20 -11.57 -5.15 16.34
N PRO E 21 -12.59 -4.30 16.35
CA PRO E 21 -13.00 -3.64 15.11
C PRO E 21 -11.82 -2.89 14.47
N GLU E 22 -11.77 -2.88 13.14
CA GLU E 22 -10.67 -2.19 12.49
C GLU E 22 -10.78 -0.68 12.68
N SER E 23 -12.00 -0.14 12.76
CA SER E 23 -12.12 1.28 13.09
C SER E 23 -11.46 1.60 14.41
N LEU E 24 -11.47 0.66 15.36
CA LEU E 24 -10.89 0.94 16.67
C LEU E 24 -9.37 0.91 16.61
N ILE E 25 -8.80 -0.11 15.95
CA ILE E 25 -7.35 -0.18 15.82
C ILE E 25 -6.82 1.06 15.11
N GLN E 26 -7.56 1.57 14.14
CA GLN E 26 -7.10 2.74 13.40
C GLN E 26 -6.87 3.93 14.31
N LEU E 27 -7.55 3.94 15.45
CA LEU E 27 -7.49 5.00 16.44
C LEU E 27 -6.54 4.70 17.58
N SER E 28 -5.68 3.67 17.48
CA SER E 28 -4.74 3.36 18.55
C SER E 28 -3.96 4.59 18.99
N GLU E 29 -3.58 5.46 18.05
CA GLU E 29 -2.75 6.60 18.41
C GLU E 29 -3.52 7.64 19.21
N ARG E 30 -4.79 7.90 18.88
CA ARG E 30 -5.53 8.84 19.72
C ARG E 30 -5.64 8.31 21.13
N ILE E 31 -5.87 7.01 21.26
CA ILE E 31 -5.93 6.42 22.58
C ILE E 31 -4.57 6.53 23.26
N ALA E 32 -3.52 6.01 22.62
CA ALA E 32 -2.20 6.03 23.22
C ALA E 32 -1.79 7.43 23.64
N GLU E 33 -2.09 8.44 22.81
CA GLU E 33 -1.71 9.81 23.14
C GLU E 33 -2.42 10.31 24.38
N ASN E 34 -3.72 10.02 24.51
CA ASN E 34 -4.45 10.51 25.68
C ASN E 34 -4.01 9.80 26.94
N VAL E 35 -3.78 8.49 26.87
CA VAL E 35 -3.23 7.79 28.01
C VAL E 35 -1.92 8.43 28.43
N HIS E 36 -1.13 8.88 27.45
CA HIS E 36 0.13 9.54 27.75
C HIS E 36 -0.11 10.87 28.44
N GLU E 37 -1.16 11.59 28.03
CA GLU E 37 -1.44 12.91 28.62
C GLU E 37 -1.94 12.79 30.05
N VAL E 38 -2.72 11.73 30.34
CA VAL E 38 -3.21 11.50 31.69
C VAL E 38 -2.05 11.21 32.63
N TRP E 39 -1.18 10.28 32.23
CA TRP E 39 0.04 9.98 32.98
C TRP E 39 0.89 11.21 33.19
N ALA E 40 1.14 11.95 32.11
CA ALA E 40 2.02 13.11 32.21
C ALA E 40 1.39 14.25 33.02
N LYS E 41 0.06 14.35 33.03
CA LYS E 41 -0.58 15.34 33.90
C LYS E 41 -0.43 14.97 35.37
N ALA E 42 -0.41 13.66 35.67
CA ALA E 42 -0.23 13.22 37.05
C ALA E 42 1.20 13.47 37.53
N ARG E 43 2.19 12.98 36.78
CA ARG E 43 3.58 13.15 37.23
C ARG E 43 3.89 14.61 37.44
N ILE E 44 3.42 15.47 36.56
CA ILE E 44 3.70 16.89 36.74
C ILE E 44 2.92 17.45 37.94
N ASP E 45 1.71 16.93 38.19
CA ASP E 45 0.96 17.30 39.39
C ASP E 45 1.69 16.94 40.68
N GLU E 46 2.63 16.00 40.64
CA GLU E 46 3.45 15.66 41.80
C GLU E 46 4.90 16.01 41.57
N GLY E 47 5.15 17.12 40.88
CA GLY E 47 6.46 17.73 40.83
C GLY E 47 7.40 17.26 39.74
N TRP E 48 7.08 16.17 39.03
CA TRP E 48 7.97 15.66 38.00
C TRP E 48 8.10 16.66 36.85
N THR E 49 9.30 16.72 36.26
CA THR E 49 9.54 17.47 35.02
C THR E 49 10.52 16.68 34.15
N TYR E 50 10.78 17.20 32.95
CA TYR E 50 11.64 16.51 32.00
C TYR E 50 13.06 16.35 32.55
N GLY E 51 13.76 15.36 32.03
CA GLY E 51 15.19 15.18 32.23
C GLY E 51 15.74 14.18 31.24
N GLU E 52 16.94 14.43 30.69
CA GLU E 52 17.54 13.50 29.73
C GLU E 52 17.70 12.09 30.31
N LYS E 53 17.65 11.97 31.63
CA LYS E 53 17.77 10.67 32.30
C LYS E 53 16.72 10.59 33.40
N ARG E 54 16.21 9.39 33.59
CA ARG E 54 15.26 9.11 34.67
C ARG E 54 15.97 9.12 36.02
N ASP E 55 15.70 10.15 36.84
CA ASP E 55 16.25 10.23 38.18
C ASP E 55 15.10 10.40 39.18
N ASP E 56 14.93 9.35 39.99
CA ASP E 56 13.90 9.31 41.01
C ASP E 56 14.03 10.45 42.02
N ILE E 57 15.24 10.96 42.24
CA ILE E 57 15.49 12.01 43.23
C ILE E 57 14.96 13.35 42.71
N HIS E 58 15.56 13.85 41.63
CA HIS E 58 15.19 15.12 41.02
C HIS E 58 13.76 15.11 40.46
N LYS E 59 13.10 13.95 40.39
CA LYS E 59 11.80 13.80 39.74
C LYS E 59 11.93 14.15 38.26
N LYS E 60 12.95 13.60 37.62
CA LYS E 60 13.23 13.84 36.21
C LYS E 60 12.80 12.63 35.38
N HIS E 61 12.23 12.89 34.20
CA HIS E 61 11.79 11.80 33.34
C HIS E 61 11.94 12.16 31.87
N PRO E 62 12.52 11.27 31.05
CA PRO E 62 12.65 11.56 29.60
C PRO E 62 11.34 11.58 28.82
N CYS E 63 10.28 10.90 29.27
CA CYS E 63 9.05 10.86 28.46
C CYS E 63 8.05 11.97 28.81
N LEU E 64 8.43 12.93 29.65
CA LEU E 64 7.57 14.06 29.96
C LEU E 64 7.65 15.10 28.84
N VAL E 65 7.09 14.71 27.69
CA VAL E 65 7.12 15.51 26.47
C VAL E 65 5.78 15.28 25.77
N PRO E 66 5.38 16.11 24.82
CA PRO E 66 4.20 15.77 24.01
C PRO E 66 4.37 14.37 23.40
N TYR E 67 3.23 13.70 23.20
CA TYR E 67 3.30 12.32 22.72
C TYR E 67 3.95 12.24 21.36
N ASP E 68 3.78 13.28 20.54
CA ASP E 68 4.35 13.21 19.20
C ASP E 68 5.86 13.25 19.23
N GLU E 69 6.45 13.63 20.36
CA GLU E 69 7.89 13.79 20.44
C GLU E 69 8.60 12.56 21.00
N LEU E 70 7.87 11.60 21.56
CA LEU E 70 8.48 10.36 22.01
C LEU E 70 9.08 9.61 20.82
N PRO E 71 10.12 8.81 21.07
CA PRO E 71 10.58 7.88 20.02
C PRO E 71 9.48 6.93 19.60
N GLU E 72 9.46 6.61 18.29
CA GLU E 72 8.47 5.68 17.76
C GLU E 72 8.37 4.39 18.59
N GLU E 73 9.49 3.94 19.18
CA GLU E 73 9.45 2.71 19.98
C GLU E 73 8.58 2.87 21.24
N GLU E 74 8.56 4.07 21.83
CA GLU E 74 7.67 4.37 22.96
C GLU E 74 6.22 4.51 22.52
N LYS E 75 5.98 5.26 21.44
CA LYS E 75 4.63 5.32 20.87
C LYS E 75 4.10 3.93 20.61
N GLU E 76 4.94 3.10 19.96
CA GLU E 76 4.51 1.78 19.59
C GLU E 76 4.17 0.94 20.82
N ALA E 77 5.00 1.01 21.86
CA ALA E 77 4.69 0.36 23.11
C ALA E 77 3.36 0.84 23.66
N ASP E 78 3.15 2.17 23.67
CA ASP E 78 1.91 2.74 24.19
C ASP E 78 0.70 2.21 23.45
N ARG E 79 0.77 2.14 22.12
CA ARG E 79 -0.36 1.64 21.32
C ARG E 79 -0.71 0.20 21.68
N ASN E 80 0.31 -0.63 21.92
CA ASN E 80 0.05 -2.04 22.15
C ASN E 80 -0.54 -2.27 23.53
N THR E 81 -0.06 -1.54 24.53
CA THR E 81 -0.73 -1.54 25.82
C THR E 81 -2.21 -1.21 25.69
N ALA E 82 -2.51 -0.13 24.96
CA ALA E 82 -3.89 0.28 24.78
C ALA E 82 -4.71 -0.86 24.19
N ASN E 84 -4.05 -3.98 24.02
CA ASN E 84 -4.08 -5.17 24.86
C ASN E 84 -5.08 -5.01 25.99
N THR E 85 -5.21 -3.79 26.53
CA THR E 85 -6.25 -3.48 27.52
C THR E 85 -7.63 -3.66 26.93
N ILE E 86 -7.83 -3.23 25.69
CA ILE E 86 -9.15 -3.38 25.09
C ILE E 86 -9.40 -4.83 24.70
N LYS E 87 -8.37 -5.56 24.28
CA LYS E 87 -8.62 -6.95 23.91
C LYS E 87 -9.09 -7.76 25.12
N VAL E 89 -10.94 -6.63 27.58
CA VAL E 89 -12.38 -6.32 27.67
C VAL E 89 -13.18 -7.21 26.73
N LYS E 90 -12.72 -7.40 25.51
CA LYS E 90 -13.49 -8.24 24.59
C LYS E 90 -13.45 -9.71 25.01
N LYS E 91 -12.29 -10.17 25.50
CA LYS E 91 -12.14 -11.53 26.02
C LYS E 91 -13.03 -11.79 27.24
N LEU E 92 -13.34 -10.76 28.02
CA LEU E 92 -14.16 -10.92 29.20
C LEU E 92 -15.65 -10.87 28.89
N GLY E 93 -16.02 -10.93 27.62
CA GLY E 93 -17.43 -11.00 27.25
C GLY E 93 -18.14 -9.71 26.94
N PHE E 94 -17.43 -8.70 26.42
CA PHE E 94 -18.03 -7.42 26.08
C PHE E 94 -17.90 -7.13 24.58
N ARG E 95 -19.01 -6.69 23.98
CA ARG E 95 -19.05 -6.28 22.57
C ARG E 95 -18.48 -4.89 22.41
N ILE E 96 -17.67 -4.72 21.38
CA ILE E 96 -17.13 -3.43 21.01
C ILE E 96 -17.58 -3.15 19.59
N GLU E 97 -18.43 -2.13 19.43
CA GLU E 97 -18.96 -1.79 18.13
C GLU E 97 -18.93 -0.29 17.92
N LYS E 98 -18.55 0.11 16.71
CA LYS E 98 -18.62 1.52 16.32
C LYS E 98 -20.09 1.94 16.22
N GLU E 99 -20.35 3.21 16.53
CA GLU E 99 -21.72 3.71 16.43
C GLU E 99 -21.94 4.43 15.11
N ASP F 7 7.33 23.89 29.08
CA ASP F 7 6.41 24.33 28.03
C ASP F 7 5.22 23.36 27.93
N TYR F 8 5.50 22.08 28.20
CA TYR F 8 4.53 21.02 27.97
C TYR F 8 3.41 21.07 29.02
N ILE F 9 2.21 21.42 28.59
CA ILE F 9 1.01 21.31 29.42
C ILE F 9 0.25 20.08 28.95
N PRO F 10 0.27 18.97 29.68
CA PRO F 10 -0.70 17.90 29.42
C PRO F 10 -2.12 18.46 29.53
N GLU F 11 -2.95 18.13 28.54
CA GLU F 11 -4.39 18.33 28.67
C GLU F 11 -5.10 17.10 28.11
N PRO F 12 -5.37 16.12 28.96
CA PRO F 12 -6.14 14.95 28.52
C PRO F 12 -7.57 15.34 28.21
N ASP F 14 -11.61 15.33 28.50
CA ASP F 14 -12.53 15.24 29.63
C ASP F 14 -13.33 13.95 29.51
N LEU F 15 -12.96 12.96 30.31
CA LEU F 15 -13.69 11.70 30.35
C LEU F 15 -14.67 11.62 31.51
N SER F 16 -14.79 12.69 32.30
CA SER F 16 -15.57 12.65 33.54
C SER F 16 -17.02 12.26 33.33
N LEU F 17 -17.58 12.54 32.15
CA LEU F 17 -18.98 12.23 31.87
C LEU F 17 -19.17 10.91 31.13
N VAL F 18 -18.11 10.12 30.96
CA VAL F 18 -18.22 8.86 30.22
C VAL F 18 -18.68 7.77 31.17
N ASP F 19 -19.81 7.12 30.84
CA ASP F 19 -20.38 6.09 31.69
C ASP F 19 -20.09 4.71 31.13
N LEU F 20 -19.22 4.00 31.78
CA LEU F 20 -18.93 2.63 31.40
C LEU F 20 -19.93 1.68 32.08
N PRO F 21 -20.24 0.54 31.47
CA PRO F 21 -21.12 -0.43 32.13
C PRO F 21 -20.58 -0.82 33.51
N GLU F 22 -21.49 -1.03 34.44
CA GLU F 22 -21.03 -1.33 35.79
C GLU F 22 -20.40 -2.70 35.86
N SER F 23 -20.86 -3.63 35.03
CA SER F 23 -20.26 -4.95 34.98
C SER F 23 -18.82 -4.90 34.47
N LEU F 24 -18.49 -3.92 33.62
CA LEU F 24 -17.10 -3.75 33.25
C LEU F 24 -16.30 -3.20 34.43
N ILE F 25 -16.87 -2.23 35.15
CA ILE F 25 -16.16 -1.65 36.27
C ILE F 25 -15.86 -2.71 37.32
N GLN F 26 -16.76 -3.69 37.50
CA GLN F 26 -16.49 -4.75 38.46
C GLN F 26 -15.29 -5.57 38.03
N LEU F 27 -14.97 -5.56 36.75
CA LEU F 27 -13.91 -6.38 36.19
C LEU F 27 -12.59 -5.66 36.04
N SER F 28 -12.46 -4.45 36.63
CA SER F 28 -11.26 -3.66 36.40
C SER F 28 -10.04 -4.27 37.07
N GLU F 29 -10.22 -4.96 38.20
CA GLU F 29 -9.09 -5.67 38.81
C GLU F 29 -8.53 -6.72 37.87
N ARG F 30 -9.41 -7.47 37.20
CA ARG F 30 -8.93 -8.49 36.26
C ARG F 30 -8.19 -7.86 35.10
N ILE F 31 -8.68 -6.72 34.62
CA ILE F 31 -8.01 -6.07 33.51
C ILE F 31 -6.65 -5.57 33.94
N ALA F 32 -6.62 -4.89 35.08
CA ALA F 32 -5.37 -4.36 35.61
C ALA F 32 -4.39 -5.48 35.93
N GLU F 33 -4.89 -6.63 36.40
CA GLU F 33 -3.99 -7.72 36.69
C GLU F 33 -3.30 -8.21 35.43
N ASN F 34 -4.05 -8.31 34.32
CA ASN F 34 -3.44 -8.82 33.10
C ASN F 34 -2.47 -7.81 32.53
N VAL F 35 -2.90 -6.56 32.39
CA VAL F 35 -2.00 -5.50 31.96
C VAL F 35 -0.71 -5.55 32.76
N HIS F 36 -0.82 -5.87 34.05
CA HIS F 36 0.39 -6.07 34.87
C HIS F 36 1.18 -7.28 34.40
N GLU F 37 0.50 -8.41 34.18
CA GLU F 37 1.23 -9.60 33.74
C GLU F 37 1.97 -9.36 32.43
N VAL F 38 1.39 -8.56 31.52
CA VAL F 38 2.08 -8.26 30.28
C VAL F 38 3.31 -7.39 30.57
N TRP F 39 3.12 -6.33 31.35
CA TRP F 39 4.23 -5.46 31.69
C TRP F 39 5.35 -6.22 32.37
N ALA F 40 5.01 -7.13 33.30
CA ALA F 40 6.03 -7.85 34.05
C ALA F 40 6.78 -8.83 33.14
N LYS F 41 6.08 -9.50 32.24
CA LYS F 41 6.75 -10.43 31.33
C LYS F 41 7.74 -9.68 30.44
N ALA F 42 7.34 -8.52 29.92
CA ALA F 42 8.22 -7.78 29.01
C ALA F 42 9.50 -7.36 29.72
N ARG F 43 9.38 -6.93 30.98
CA ARG F 43 10.56 -6.41 31.65
C ARG F 43 11.47 -7.53 32.15
N ILE F 44 10.89 -8.64 32.65
CA ILE F 44 11.72 -9.81 32.97
C ILE F 44 12.47 -10.28 31.72
N ASP F 45 11.84 -10.16 30.54
CA ASP F 45 12.51 -10.56 29.32
C ASP F 45 13.63 -9.61 28.91
N GLU F 46 13.66 -8.37 29.43
CA GLU F 46 14.78 -7.45 29.23
C GLU F 46 15.80 -7.49 30.37
N GLY F 47 15.76 -8.51 31.23
CA GLY F 47 16.68 -8.63 32.34
C GLY F 47 16.28 -7.95 33.62
N TRP F 48 15.06 -7.44 33.72
CA TRP F 48 14.65 -6.78 34.94
C TRP F 48 14.35 -7.80 36.04
N THR F 49 14.74 -7.47 37.26
CA THR F 49 14.57 -8.30 38.45
C THR F 49 13.82 -7.50 39.50
N TYR F 50 13.34 -8.20 40.52
CA TYR F 50 12.74 -7.52 41.67
C TYR F 50 13.83 -6.88 42.54
N GLY F 51 13.57 -5.65 42.96
CA GLY F 51 14.39 -4.96 43.93
C GLY F 51 13.55 -4.04 44.77
N GLU F 52 13.87 -3.88 46.06
CA GLU F 52 13.00 -3.14 46.96
C GLU F 52 12.87 -1.67 46.56
N LYS F 53 13.91 -1.09 45.98
CA LYS F 53 13.84 0.24 45.40
C LYS F 53 14.25 0.16 43.92
N ARG F 54 13.62 1.01 43.11
CA ARG F 54 13.87 1.05 41.69
C ARG F 54 15.32 1.47 41.40
N ASP F 55 15.97 0.77 40.47
CA ASP F 55 17.30 1.11 40.02
C ASP F 55 17.43 0.70 38.57
N ASP F 56 17.70 1.67 37.69
CA ASP F 56 17.75 1.36 36.27
C ASP F 56 19.06 0.72 35.85
N ILE F 57 20.13 0.90 36.64
CA ILE F 57 21.43 0.36 36.26
C ILE F 57 21.44 -1.17 36.42
N HIS F 58 20.78 -1.67 37.47
CA HIS F 58 20.74 -3.10 37.70
C HIS F 58 19.38 -3.68 37.34
N LYS F 59 18.50 -2.87 36.73
CA LYS F 59 17.18 -3.33 36.28
C LYS F 59 16.39 -3.91 37.44
N LYS F 60 16.29 -3.13 38.51
CA LYS F 60 15.64 -3.55 39.75
C LYS F 60 14.34 -2.75 39.88
N HIS F 61 13.22 -3.48 40.02
CA HIS F 61 11.91 -2.84 40.11
C HIS F 61 11.13 -3.49 41.25
N PRO F 62 10.60 -2.69 42.18
CA PRO F 62 9.81 -3.26 43.29
C PRO F 62 8.46 -3.79 42.86
N CYS F 63 7.94 -3.37 41.71
CA CYS F 63 6.64 -3.83 41.27
C CYS F 63 6.70 -5.11 40.45
N LEU F 64 7.87 -5.73 40.34
CA LEU F 64 7.97 -7.03 39.65
C LEU F 64 7.60 -8.13 40.65
N VAL F 65 6.32 -8.11 41.02
CA VAL F 65 5.72 -9.12 41.90
C VAL F 65 4.37 -9.48 41.28
N PRO F 66 3.83 -10.63 41.70
CA PRO F 66 2.40 -10.90 41.40
C PRO F 66 1.55 -9.67 41.71
N TYR F 67 0.63 -9.38 40.78
CA TYR F 67 -0.29 -8.26 40.96
C TYR F 67 -0.87 -8.19 42.37
N ASP F 68 -1.37 -9.34 42.87
CA ASP F 68 -2.01 -9.38 44.19
C ASP F 68 -1.12 -8.86 45.30
N GLU F 69 0.20 -8.86 45.12
CA GLU F 69 1.13 -8.40 46.16
C GLU F 69 1.53 -6.94 46.01
N LEU F 70 1.08 -6.25 44.97
CA LEU F 70 1.32 -4.83 44.86
C LEU F 70 0.67 -4.09 46.02
N PRO F 71 1.23 -2.94 46.42
CA PRO F 71 0.51 -2.04 47.32
C PRO F 71 -0.80 -1.59 46.69
N GLU F 72 -1.80 -1.32 47.55
CA GLU F 72 -3.13 -0.99 47.04
C GLU F 72 -3.10 0.31 46.24
N GLU F 73 -2.26 1.27 46.64
CA GLU F 73 -2.08 2.49 45.84
C GLU F 73 -1.65 2.15 44.41
N GLU F 74 -0.82 1.11 44.24
CA GLU F 74 -0.41 0.76 42.89
C GLU F 74 -1.54 0.06 42.12
N LYS F 75 -2.31 -0.81 42.78
CA LYS F 75 -3.44 -1.43 42.11
C LYS F 75 -4.44 -0.39 41.64
N GLU F 76 -4.78 0.59 42.52
CA GLU F 76 -5.73 1.62 42.12
C GLU F 76 -5.25 2.37 40.89
N ALA F 77 -3.97 2.71 40.86
CA ALA F 77 -3.40 3.32 39.66
C ALA F 77 -3.67 2.44 38.43
N ASP F 78 -3.29 1.14 38.52
CA ASP F 78 -3.47 0.22 37.40
C ASP F 78 -4.93 0.14 36.99
N ARG F 79 -5.83 0.01 37.95
CA ARG F 79 -7.26 -0.04 37.63
C ARG F 79 -7.72 1.25 36.97
N ASN F 80 -7.25 2.40 37.46
CA ASN F 80 -7.70 3.68 36.91
C ASN F 80 -7.16 3.89 35.50
N THR F 81 -5.92 3.48 35.24
CA THR F 81 -5.39 3.55 33.88
C THR F 81 -6.20 2.69 32.93
N ALA F 82 -6.53 1.47 33.36
CA ALA F 82 -7.32 0.61 32.49
C ALA F 82 -8.64 1.26 32.14
N ASN F 84 -9.59 4.49 32.29
CA ASN F 84 -9.49 5.66 31.43
C ASN F 84 -9.20 5.25 29.98
N THR F 85 -8.41 4.18 29.79
CA THR F 85 -8.19 3.67 28.44
C THR F 85 -9.50 3.28 27.80
N ILE F 86 -10.37 2.60 28.53
CA ILE F 86 -11.63 2.17 27.93
C ILE F 86 -12.59 3.35 27.79
N LYS F 87 -12.57 4.30 28.72
CA LYS F 87 -13.47 5.44 28.64
C LYS F 87 -13.23 6.21 27.36
N VAL F 89 -12.30 4.97 24.59
CA VAL F 89 -12.92 4.23 23.49
C VAL F 89 -14.42 4.57 23.37
N LYS F 90 -15.15 4.59 24.48
CA LYS F 90 -16.53 5.04 24.42
C LYS F 90 -16.62 6.47 23.89
N LYS F 91 -15.78 7.37 24.43
CA LYS F 91 -15.67 8.75 23.97
C LYS F 91 -15.43 8.85 22.45
N LEU F 92 -14.76 7.87 21.86
CA LEU F 92 -14.48 7.91 20.45
C LEU F 92 -15.56 7.26 19.60
N GLY F 93 -16.76 7.09 20.15
CA GLY F 93 -17.88 6.62 19.36
C GLY F 93 -18.05 5.12 19.30
N PHE F 94 -17.61 4.41 20.31
CA PHE F 94 -17.76 2.96 20.33
C PHE F 94 -18.71 2.54 21.45
N ARG F 95 -19.46 1.50 21.17
CA ARG F 95 -20.44 0.97 22.11
C ARG F 95 -19.82 -0.24 22.80
N ILE F 96 -19.95 -0.29 24.14
CA ILE F 96 -19.40 -1.38 24.96
C ILE F 96 -20.54 -2.01 25.75
N GLU F 97 -20.95 -3.23 25.37
CA GLU F 97 -22.04 -3.94 26.03
C GLU F 97 -21.62 -5.35 26.40
N LYS F 98 -22.05 -5.79 27.57
CA LYS F 98 -21.88 -7.19 27.95
C LYS F 98 -22.80 -8.05 27.10
N GLU F 99 -22.30 -9.23 26.73
CA GLU F 99 -23.08 -10.20 25.95
C GLU F 99 -23.91 -11.12 26.85
#